data_2GJJ
#
_entry.id   2GJJ
#
_cell.length_a   73.943
_cell.length_b   86.630
_cell.length_c   178.592
_cell.angle_alpha   90.00
_cell.angle_beta   90.00
_cell.angle_gamma   90.00
#
_symmetry.space_group_name_H-M   'I 2 2 2'
#
loop_
_entity.id
_entity.type
_entity.pdbx_description
1 polymer 'A21 single-chain antibody fragment against erbB2'
2 non-polymer GLYCEROL
3 water water
#
_entity_poly.entity_id   1
_entity_poly.type   'polypeptide(L)'
_entity_poly.pdbx_seq_one_letter_code
;EAEADIVLTQTPSSLPVSVGEKVTMTCKSSQTLLYSNNQKNYLAWYQQKPGQSPKLLISWAFTRKSGVPDRFTGSGSGTD
FTLTIGSVKAEDLAVYYCQQYSNYPWTFGGGTRLEIKRGGGGSGGGGSGGGGSGGGGSEVQLQQSGPEVVKTGASVKISC
KASGYSFTGYFINWVKKNSGKSPEWIGHISSSYATSTYNQKFKNKAAFTVDTSSSTAFMQLNSLTSEDSADYYCVRSGNY
EEYAMDYWGQGTSVTVSSHHHHHH
;
_entity_poly.pdbx_strand_id   A,B
#
# COMPACT_ATOMS: atom_id res chain seq x y z
N GLU A 3 -19.33 4.96 -14.57
CA GLU A 3 -19.74 3.53 -14.48
C GLU A 3 -20.81 3.33 -13.41
N ALA A 4 -21.76 2.46 -13.70
CA ALA A 4 -22.77 2.08 -12.71
C ALA A 4 -22.12 1.22 -11.62
N ASP A 5 -22.71 1.20 -10.43
CA ASP A 5 -22.22 0.33 -9.36
C ASP A 5 -22.24 -1.13 -9.81
N ILE A 6 -21.21 -1.88 -9.42
CA ILE A 6 -21.10 -3.29 -9.79
C ILE A 6 -22.08 -4.11 -8.95
N VAL A 7 -22.89 -4.90 -9.64
CA VAL A 7 -23.86 -5.79 -9.01
C VAL A 7 -23.33 -7.22 -9.02
N LEU A 8 -23.39 -7.86 -7.86
CA LEU A 8 -22.97 -9.24 -7.75
C LEU A 8 -24.20 -10.07 -7.48
N THR A 9 -24.42 -11.09 -8.30
CA THR A 9 -25.59 -11.94 -8.18
C THR A 9 -25.16 -13.35 -7.79
N GLN A 10 -25.68 -13.83 -6.67
CA GLN A 10 -25.31 -15.13 -6.16
C GLN A 10 -26.45 -16.12 -6.33
N THR A 11 -26.14 -17.31 -6.83
CA THR A 11 -27.11 -18.41 -6.88
C THR A 11 -26.43 -19.69 -6.40
N PRO A 12 -27.22 -20.60 -5.82
CA PRO A 12 -28.63 -20.35 -5.51
C PRO A 12 -28.75 -19.48 -4.26
N SER A 13 -29.94 -18.96 -3.99
CA SER A 13 -30.19 -18.11 -2.82
C SER A 13 -29.99 -18.88 -1.52
N SER A 14 -30.42 -20.13 -1.52
CA SER A 14 -30.20 -21.04 -0.40
C SER A 14 -29.85 -22.44 -0.91
N LEU A 15 -29.12 -23.18 -0.10
CA LEU A 15 -28.59 -24.48 -0.45
C LEU A 15 -28.76 -25.43 0.73
N PRO A 16 -29.79 -26.28 0.68
CA PRO A 16 -30.01 -27.26 1.74
C PRO A 16 -29.23 -28.53 1.44
N VAL A 17 -28.23 -28.82 2.27
CA VAL A 17 -27.34 -29.97 2.05
C VAL A 17 -27.16 -30.78 3.32
N SER A 18 -26.45 -31.90 3.19
CA SER A 18 -26.15 -32.77 4.34
C SER A 18 -24.66 -32.77 4.59
N VAL A 19 -24.28 -33.02 5.83
CA VAL A 19 -22.88 -33.23 6.20
C VAL A 19 -22.24 -34.27 5.27
N GLY A 20 -21.05 -33.96 4.75
CA GLY A 20 -20.33 -34.85 3.85
C GLY A 20 -20.57 -34.58 2.37
N GLU A 21 -21.58 -33.77 2.07
CA GLU A 21 -21.97 -33.46 0.69
C GLU A 21 -21.02 -32.41 0.11
N LYS A 22 -20.83 -32.44 -1.21
CA LYS A 22 -20.02 -31.46 -1.91
C LYS A 22 -20.91 -30.35 -2.48
N VAL A 23 -20.57 -29.10 -2.18
CA VAL A 23 -21.37 -27.98 -2.70
C VAL A 23 -20.58 -27.01 -3.57
N THR A 24 -21.31 -26.39 -4.50
CA THR A 24 -20.80 -25.30 -5.31
C THR A 24 -21.86 -24.19 -5.42
N MET A 25 -21.41 -22.95 -5.34
CA MET A 25 -22.28 -21.79 -5.44
C MET A 25 -21.60 -20.76 -6.32
N THR A 26 -22.39 -19.91 -6.96
CA THR A 26 -21.87 -19.00 -7.96
C THR A 26 -22.02 -17.55 -7.55
N CYS A 27 -21.16 -16.73 -8.14
CA CYS A 27 -21.21 -15.28 -7.99
C CYS A 27 -20.95 -14.70 -9.37
N LYS A 28 -21.96 -14.04 -9.94
CA LYS A 28 -21.81 -13.37 -11.24
C LYS A 28 -21.69 -11.87 -11.03
N SER A 29 -20.68 -11.27 -11.66
CA SER A 29 -20.46 -9.83 -11.63
C SER A 29 -21.00 -9.15 -12.88
N SER A 30 -21.71 -8.04 -12.70
CA SER A 30 -22.22 -7.24 -13.81
C SER A 30 -21.11 -6.52 -14.59
N GLN A 31 -19.91 -6.44 -14.01
CA GLN A 31 -18.73 -5.90 -14.69
C GLN A 31 -17.54 -6.83 -14.40
N THR A 32 -16.62 -6.96 -15.36
CA THR A 32 -15.46 -7.82 -15.16
C THR A 32 -14.64 -7.35 -13.95
N LEU A 33 -14.11 -8.31 -13.20
CA LEU A 33 -13.30 -7.99 -12.02
C LEU A 33 -11.84 -8.32 -12.31
N LEU A 34 -11.56 -8.71 -13.55
CA LEU A 34 -10.21 -9.04 -14.00
C LEU A 34 -9.49 -7.75 -14.42
N TYR A 35 -8.40 -7.43 -13.73
CA TYR A 35 -7.63 -6.23 -14.00
C TYR A 35 -6.56 -6.58 -15.04
N SER A 36 -6.65 -5.95 -16.22
CA SER A 36 -5.72 -6.24 -17.32
C SER A 36 -4.25 -5.99 -16.97
N ASN A 37 -4.01 -5.02 -16.12
CA ASN A 37 -2.66 -4.63 -15.68
C ASN A 37 -1.89 -5.77 -15.00
N ASN A 38 -2.55 -6.55 -14.15
CA ASN A 38 -1.89 -7.60 -13.39
C ASN A 38 -2.52 -8.99 -13.50
N GLN A 39 -3.59 -9.09 -14.30
CA GLN A 39 -4.35 -10.34 -14.50
C GLN A 39 -4.91 -10.95 -13.20
N LYS A 40 -5.21 -10.10 -12.22
CA LYS A 40 -5.79 -10.53 -10.95
C LYS A 40 -7.28 -10.24 -10.92
N ASN A 41 -8.04 -11.13 -10.28
CA ASN A 41 -9.47 -10.93 -10.07
C ASN A 41 -9.74 -10.35 -8.69
N TYR A 42 -10.44 -9.21 -8.66
CA TYR A 42 -10.62 -8.42 -7.45
C TYR A 42 -11.91 -8.86 -6.75
N LEU A 43 -11.90 -10.11 -6.29
CA LEU A 43 -13.08 -10.78 -5.79
C LEU A 43 -12.75 -11.59 -4.56
N ALA A 44 -13.59 -11.44 -3.54
CA ALA A 44 -13.41 -12.14 -2.29
C ALA A 44 -14.70 -12.83 -1.87
N TRP A 45 -14.52 -13.87 -1.05
CA TRP A 45 -15.60 -14.63 -0.44
C TRP A 45 -15.51 -14.49 1.07
N TYR A 46 -16.63 -14.10 1.69
CA TYR A 46 -16.78 -14.03 3.14
C TYR A 46 -17.79 -15.04 3.66
N GLN A 47 -17.54 -15.55 4.87
CA GLN A 47 -18.41 -16.53 5.53
C GLN A 47 -18.96 -15.89 6.79
N GLN A 48 -20.28 -15.81 6.90
CA GLN A 48 -20.92 -15.32 8.12
C GLN A 48 -21.76 -16.41 8.78
N LYS A 49 -21.24 -16.99 9.85
CA LYS A 49 -21.94 -18.00 10.64
C LYS A 49 -23.01 -17.29 11.50
N PRO A 50 -24.03 -18.02 11.93
CA PRO A 50 -25.13 -17.43 12.71
C PRO A 50 -24.68 -16.75 14.01
N GLY A 51 -25.15 -15.53 14.25
CA GLY A 51 -24.81 -14.77 15.45
C GLY A 51 -23.35 -14.35 15.54
N GLN A 52 -22.65 -14.34 14.41
CA GLN A 52 -21.23 -14.03 14.37
C GLN A 52 -20.92 -13.04 13.26
N SER A 53 -19.77 -12.40 13.36
CA SER A 53 -19.30 -11.49 12.32
C SER A 53 -18.72 -12.27 11.15
N PRO A 54 -18.76 -11.71 9.96
CA PRO A 54 -18.13 -12.36 8.80
C PRO A 54 -16.65 -12.62 8.99
N LYS A 55 -16.16 -13.62 8.26
CA LYS A 55 -14.73 -13.90 8.14
C LYS A 55 -14.37 -14.01 6.67
N LEU A 56 -13.15 -13.57 6.36
CA LEU A 56 -12.60 -13.75 5.03
C LEU A 56 -12.19 -15.20 4.81
N LEU A 57 -12.68 -15.80 3.73
CA LEU A 57 -12.23 -17.13 3.32
C LEU A 57 -11.16 -17.05 2.25
N ILE A 58 -11.47 -16.32 1.20
CA ILE A 58 -10.65 -16.27 -0.01
C ILE A 58 -10.65 -14.86 -0.58
N SER A 59 -9.50 -14.43 -1.07
CA SER A 59 -9.41 -13.19 -1.85
C SER A 59 -8.65 -13.50 -3.15
N TRP A 60 -8.68 -12.55 -4.09
CA TRP A 60 -8.09 -12.73 -5.43
C TRP A 60 -8.70 -13.93 -6.15
N ALA A 61 -9.97 -14.17 -5.85
CA ALA A 61 -10.79 -15.26 -6.44
C ALA A 61 -10.43 -16.66 -5.95
N PHE A 62 -9.14 -16.95 -5.73
CA PHE A 62 -8.68 -18.30 -5.39
C PHE A 62 -7.69 -18.40 -4.22
N THR A 63 -7.18 -17.27 -3.71
CA THR A 63 -6.22 -17.34 -2.60
C THR A 63 -6.90 -17.46 -1.24
N ARG A 64 -6.74 -18.62 -0.60
CA ARG A 64 -7.27 -18.84 0.73
C ARG A 64 -6.48 -18.02 1.73
N LYS A 65 -7.20 -17.36 2.64
CA LYS A 65 -6.59 -16.81 3.83
C LYS A 65 -6.00 -17.97 4.64
N SER A 66 -4.83 -17.73 5.22
CA SER A 66 -4.08 -18.74 5.97
C SER A 66 -4.93 -19.25 7.14
N GLY A 67 -5.03 -20.57 7.28
CA GLY A 67 -5.86 -21.15 8.31
C GLY A 67 -7.23 -21.60 7.83
N VAL A 68 -7.66 -21.11 6.67
CA VAL A 68 -8.93 -21.54 6.09
C VAL A 68 -8.71 -22.95 5.53
N PRO A 69 -9.59 -23.89 5.87
CA PRO A 69 -9.44 -25.29 5.40
C PRO A 69 -9.37 -25.45 3.88
N ASP A 70 -8.60 -26.45 3.47
CA ASP A 70 -8.42 -26.91 2.10
C ASP A 70 -9.71 -27.17 1.32
N ARG A 71 -10.76 -27.58 2.04
CA ARG A 71 -12.00 -27.99 1.39
C ARG A 71 -12.77 -26.81 0.79
N PHE A 72 -12.36 -25.59 1.12
CA PHE A 72 -12.90 -24.39 0.47
C PHE A 72 -12.02 -24.05 -0.73
N THR A 73 -12.62 -24.02 -1.91
CA THR A 73 -11.90 -23.67 -3.12
C THR A 73 -12.61 -22.58 -3.90
N GLY A 74 -11.88 -21.51 -4.18
CA GLY A 74 -12.38 -20.41 -4.98
C GLY A 74 -11.83 -20.54 -6.37
N SER A 75 -12.65 -20.25 -7.37
CA SER A 75 -12.19 -20.26 -8.75
C SER A 75 -13.04 -19.33 -9.61
N GLY A 76 -12.62 -19.20 -10.87
CA GLY A 76 -13.34 -18.42 -11.84
C GLY A 76 -12.52 -17.22 -12.26
N SER A 77 -13.04 -16.47 -13.22
CA SER A 77 -12.38 -15.29 -13.73
C SER A 77 -13.36 -14.36 -14.41
N GLY A 78 -13.02 -13.07 -14.47
CA GLY A 78 -13.83 -12.08 -15.15
C GLY A 78 -15.13 -11.73 -14.43
N THR A 79 -16.22 -12.34 -14.89
CA THR A 79 -17.55 -12.10 -14.31
C THR A 79 -18.15 -13.34 -13.65
N ASP A 80 -17.46 -14.45 -13.73
CA ASP A 80 -18.04 -15.70 -13.30
C ASP A 80 -17.11 -16.37 -12.30
N PHE A 81 -17.62 -16.54 -11.06
CA PHE A 81 -16.86 -17.07 -9.93
C PHE A 81 -17.64 -18.14 -9.17
N THR A 82 -16.93 -19.10 -8.60
CA THR A 82 -17.56 -20.16 -7.81
C THR A 82 -16.79 -20.43 -6.52
N LEU A 83 -17.53 -20.76 -5.48
CA LEU A 83 -16.95 -21.26 -4.25
C LEU A 83 -17.44 -22.68 -4.06
N THR A 84 -16.49 -23.59 -3.86
CA THR A 84 -16.75 -24.99 -3.65
C THR A 84 -16.29 -25.41 -2.26
N ILE A 85 -17.13 -26.22 -1.59
CA ILE A 85 -16.74 -26.86 -0.34
C ILE A 85 -16.77 -28.36 -0.62
N GLY A 86 -15.61 -28.98 -0.62
CA GLY A 86 -15.47 -30.38 -1.02
C GLY A 86 -16.25 -31.40 -0.20
N SER A 87 -16.42 -31.11 1.08
CA SER A 87 -17.12 -32.00 1.99
C SER A 87 -17.57 -31.22 3.21
N VAL A 88 -18.85 -30.82 3.21
CA VAL A 88 -19.37 -29.88 4.19
C VAL A 88 -19.46 -30.47 5.60
N LYS A 89 -19.20 -29.62 6.59
CA LYS A 89 -19.40 -29.96 7.99
C LYS A 89 -20.46 -29.03 8.54
N ALA A 90 -21.08 -29.41 9.67
CA ALA A 90 -22.05 -28.57 10.34
C ALA A 90 -21.50 -27.18 10.68
N GLU A 91 -20.21 -27.10 10.95
CA GLU A 91 -19.56 -25.83 11.24
C GLU A 91 -19.56 -24.87 10.04
N ASP A 92 -19.84 -25.40 8.84
CA ASP A 92 -19.91 -24.59 7.62
C ASP A 92 -21.25 -23.88 7.41
N LEU A 93 -22.19 -24.14 8.32
CA LEU A 93 -23.51 -23.51 8.28
C LEU A 93 -23.32 -22.00 8.36
N ALA A 94 -23.75 -21.31 7.31
CA ALA A 94 -23.50 -19.88 7.19
C ALA A 94 -24.10 -19.29 5.92
N VAL A 95 -24.06 -17.97 5.84
CA VAL A 95 -24.29 -17.26 4.59
C VAL A 95 -22.92 -16.93 4.03
N TYR A 96 -22.73 -17.25 2.75
CA TYR A 96 -21.50 -17.00 2.03
C TYR A 96 -21.71 -15.81 1.10
N TYR A 97 -20.92 -14.75 1.25
CA TYR A 97 -21.03 -13.56 0.42
C TYR A 97 -19.83 -13.37 -0.47
N CYS A 98 -20.06 -13.17 -1.75
CA CYS A 98 -18.99 -12.68 -2.60
C CYS A 98 -18.96 -11.16 -2.52
N GLN A 99 -17.83 -10.57 -2.90
CA GLN A 99 -17.54 -9.17 -2.65
C GLN A 99 -16.49 -8.67 -3.65
N GLN A 100 -16.78 -7.57 -4.32
CA GLN A 100 -15.83 -7.02 -5.29
C GLN A 100 -15.17 -5.78 -4.72
N TYR A 101 -13.85 -5.70 -4.92
CA TYR A 101 -13.05 -4.56 -4.53
C TYR A 101 -12.25 -4.03 -5.73
N SER A 102 -12.86 -4.18 -6.90
CA SER A 102 -12.31 -3.74 -8.18
C SER A 102 -12.47 -2.23 -8.37
N ASN A 103 -13.68 -1.73 -8.12
CA ASN A 103 -13.99 -0.31 -8.28
C ASN A 103 -14.90 0.15 -7.14
N TYR A 104 -14.72 1.40 -6.72
CA TYR A 104 -15.60 2.03 -5.76
C TYR A 104 -16.96 2.31 -6.40
N PRO A 105 -18.06 2.19 -5.66
CA PRO A 105 -18.05 1.69 -4.28
C PRO A 105 -17.91 0.17 -4.27
N TRP A 106 -17.25 -0.37 -3.24
CA TRP A 106 -17.14 -1.81 -3.07
C TRP A 106 -18.54 -2.35 -2.81
N THR A 107 -18.85 -3.51 -3.38
CA THR A 107 -20.17 -4.12 -3.23
C THR A 107 -20.10 -5.61 -2.88
N PHE A 108 -21.20 -6.10 -2.32
CA PHE A 108 -21.37 -7.48 -1.91
C PHE A 108 -22.51 -8.11 -2.72
N GLY A 109 -22.44 -9.42 -2.93
CA GLY A 109 -23.54 -10.17 -3.48
C GLY A 109 -24.63 -10.36 -2.42
N GLY A 110 -25.77 -10.89 -2.82
CA GLY A 110 -26.89 -11.14 -1.90
C GLY A 110 -26.74 -12.36 -1.00
N GLY A 111 -25.67 -13.14 -1.25
CA GLY A 111 -25.31 -14.29 -0.45
C GLY A 111 -26.03 -15.57 -0.80
N THR A 112 -25.41 -16.67 -0.39
CA THR A 112 -25.98 -18.01 -0.48
C THR A 112 -26.06 -18.58 0.93
N ARG A 113 -27.27 -18.87 1.38
CA ARG A 113 -27.51 -19.45 2.69
C ARG A 113 -27.25 -20.95 2.60
N LEU A 114 -26.25 -21.44 3.31
CA LEU A 114 -25.96 -22.87 3.34
C LEU A 114 -26.60 -23.46 4.57
N GLU A 115 -27.58 -24.34 4.36
CA GLU A 115 -28.30 -25.02 5.44
C GLU A 115 -27.85 -26.47 5.50
N ILE A 116 -27.48 -26.93 6.70
CA ILE A 116 -26.85 -28.23 6.83
C ILE A 116 -27.57 -29.09 7.86
N LYS A 117 -27.95 -30.25 7.42
CA LYS A 117 -28.51 -31.24 8.31
C LYS A 117 -27.47 -32.34 8.50
N ARG A 118 -27.58 -33.06 9.61
CA ARG A 118 -26.61 -34.12 9.91
C ARG A 118 -26.76 -35.35 9.02
N GLY A 119 -27.99 -35.66 8.60
CA GLY A 119 -28.26 -36.80 7.73
C GLY A 119 -29.75 -37.00 7.48
N GLU A 139 -4.70 -13.03 16.29
CA GLU A 139 -4.12 -11.88 16.98
C GLU A 139 -4.70 -10.52 16.53
N VAL A 140 -5.08 -10.36 15.25
CA VAL A 140 -5.75 -9.12 14.83
C VAL A 140 -7.15 -9.07 15.42
N GLN A 141 -7.47 -7.97 16.10
CA GLN A 141 -8.81 -7.79 16.65
C GLN A 141 -9.32 -6.38 16.46
N LEU A 142 -10.62 -6.27 16.22
CA LEU A 142 -11.33 -5.00 16.18
C LEU A 142 -12.49 -5.06 17.19
N GLN A 143 -12.42 -4.18 18.19
CA GLN A 143 -13.38 -4.16 19.29
C GLN A 143 -14.25 -2.92 19.21
N GLN A 144 -15.52 -3.14 18.93
CA GLN A 144 -16.44 -2.04 18.73
C GLN A 144 -17.23 -1.72 20.01
N SER A 145 -17.79 -0.52 20.05
CA SER A 145 -18.62 -0.09 21.16
C SER A 145 -19.96 -0.83 21.13
N GLY A 146 -20.61 -0.83 22.29
CA GLY A 146 -21.87 -1.52 22.51
C GLY A 146 -23.06 -1.06 21.71
N PRO A 147 -24.21 -1.73 21.82
CA PRO A 147 -25.45 -1.46 21.10
C PRO A 147 -26.08 -0.14 21.54
N GLU A 148 -26.70 0.52 20.57
CA GLU A 148 -27.20 1.88 20.74
C GLU A 148 -28.68 1.94 20.48
N VAL A 149 -29.39 2.67 21.34
CA VAL A 149 -30.79 3.00 21.11
C VAL A 149 -30.84 4.53 21.03
N VAL A 150 -31.19 5.07 19.86
CA VAL A 150 -31.21 6.52 19.67
C VAL A 150 -32.52 7.01 19.06
N LYS A 151 -32.90 8.24 19.41
CA LYS A 151 -34.12 8.84 18.88
C LYS A 151 -33.91 9.30 17.44
N THR A 152 -35.00 9.29 16.69
CA THR A 152 -35.04 9.89 15.36
C THR A 152 -34.48 11.31 15.40
N GLY A 153 -33.67 11.66 14.40
CA GLY A 153 -33.06 12.98 14.32
C GLY A 153 -31.73 13.09 15.04
N ALA A 154 -31.46 12.16 15.96
CA ALA A 154 -30.24 12.18 16.74
C ALA A 154 -29.05 11.60 15.97
N SER A 155 -27.88 11.65 16.60
CA SER A 155 -26.64 11.14 16.07
C SER A 155 -26.08 10.07 16.98
N VAL A 156 -25.15 9.29 16.44
CA VAL A 156 -24.44 8.27 17.19
C VAL A 156 -23.00 8.15 16.68
N LYS A 157 -22.07 7.86 17.58
CA LYS A 157 -20.67 7.65 17.21
C LYS A 157 -20.19 6.27 17.70
N ILE A 158 -19.86 5.41 16.75
CA ILE A 158 -19.43 4.05 17.02
C ILE A 158 -17.91 4.04 16.96
N SER A 159 -17.29 3.43 17.96
CA SER A 159 -15.83 3.29 17.95
C SER A 159 -15.42 1.86 17.58
N CYS A 160 -14.15 1.73 17.20
CA CYS A 160 -13.57 0.50 16.68
C CYS A 160 -12.10 0.51 17.06
N LYS A 161 -11.78 -0.16 18.16
CA LYS A 161 -10.43 -0.21 18.72
C LYS A 161 -9.67 -1.40 18.12
N ALA A 162 -8.53 -1.09 17.51
CA ALA A 162 -7.71 -2.09 16.85
C ALA A 162 -6.54 -2.52 17.72
N SER A 163 -6.24 -3.81 17.67
CA SER A 163 -5.07 -4.37 18.35
C SER A 163 -4.44 -5.49 17.52
N GLY A 164 -3.20 -5.82 17.84
CA GLY A 164 -2.51 -6.93 17.21
C GLY A 164 -1.86 -6.66 15.87
N TYR A 165 -1.78 -5.39 15.47
CA TYR A 165 -1.05 -4.99 14.28
C TYR A 165 -0.70 -3.51 14.30
N SER A 166 0.05 -3.08 13.29
CA SER A 166 0.46 -1.68 13.15
C SER A 166 -0.70 -0.86 12.58
N PHE A 167 -1.37 -0.11 13.45
CA PHE A 167 -2.63 0.59 13.13
C PHE A 167 -2.56 1.40 11.84
N THR A 168 -1.53 2.23 11.69
CA THR A 168 -1.42 3.14 10.55
C THR A 168 -1.16 2.45 9.21
N GLY A 169 -0.77 1.19 9.22
CA GLY A 169 -0.53 0.47 7.98
C GLY A 169 -1.79 0.10 7.21
N TYR A 170 -2.98 0.39 7.76
CA TYR A 170 -4.22 -0.19 7.22
C TYR A 170 -5.40 0.77 7.10
N PHE A 171 -6.34 0.43 6.22
CA PHE A 171 -7.60 1.13 6.11
C PHE A 171 -8.59 0.54 7.09
N ILE A 172 -9.50 1.37 7.59
CA ILE A 172 -10.66 0.87 8.30
C ILE A 172 -11.90 1.14 7.45
N ASN A 173 -12.56 0.06 7.06
CA ASN A 173 -13.81 0.08 6.31
C ASN A 173 -14.99 0.00 7.28
N TRP A 174 -16.13 0.53 6.86
CA TRP A 174 -17.37 0.38 7.60
C TRP A 174 -18.43 -0.21 6.69
N VAL A 175 -19.24 -1.08 7.26
CA VAL A 175 -20.20 -1.88 6.52
C VAL A 175 -21.50 -1.94 7.28
N LYS A 176 -22.61 -1.74 6.57
CA LYS A 176 -23.94 -1.83 7.15
C LYS A 176 -24.55 -3.18 6.79
N LYS A 177 -25.18 -3.82 7.76
CA LYS A 177 -25.85 -5.10 7.57
C LYS A 177 -27.24 -5.13 8.21
N ASN A 178 -28.23 -5.46 7.39
CA ASN A 178 -29.61 -5.67 7.82
C ASN A 178 -30.05 -7.12 7.55
N SER A 179 -30.87 -7.63 8.46
CA SER A 179 -31.39 -9.00 8.55
C SER A 179 -31.43 -9.84 7.26
N GLY A 180 -31.98 -9.40 6.13
CA GLY A 180 -32.11 -10.20 4.94
C GLY A 180 -31.52 -9.63 3.68
N LYS A 181 -30.58 -8.70 3.83
CA LYS A 181 -30.02 -7.95 2.70
C LYS A 181 -28.52 -8.15 2.54
N SER A 182 -28.04 -7.85 1.34
CA SER A 182 -26.61 -7.78 1.04
C SER A 182 -25.96 -6.77 1.98
N PRO A 183 -24.77 -7.07 2.50
CA PRO A 183 -24.02 -6.05 3.24
C PRO A 183 -23.71 -4.88 2.32
N GLU A 184 -23.66 -3.69 2.89
CA GLU A 184 -23.39 -2.47 2.14
C GLU A 184 -22.10 -1.84 2.64
N TRP A 185 -21.19 -1.54 1.72
CA TRP A 185 -19.96 -0.88 2.06
C TRP A 185 -20.23 0.64 2.18
N ILE A 186 -20.06 1.16 3.39
CA ILE A 186 -20.28 2.59 3.63
C ILE A 186 -19.11 3.40 3.11
N GLY A 187 -17.92 2.85 3.25
CA GLY A 187 -16.70 3.54 2.87
C GLY A 187 -15.51 3.10 3.69
N HIS A 188 -14.36 3.73 3.47
CA HIS A 188 -13.20 3.50 4.32
C HIS A 188 -12.32 4.72 4.56
N ILE A 189 -11.49 4.62 5.56
CA ILE A 189 -10.57 5.67 5.93
C ILE A 189 -9.15 5.12 6.00
N SER A 190 -8.20 5.89 5.52
CA SER A 190 -6.79 5.57 5.70
C SER A 190 -6.39 5.87 7.15
N SER A 191 -5.82 4.87 7.83
CA SER A 191 -5.36 5.04 9.21
C SER A 191 -4.11 5.93 9.31
N SER A 192 -3.35 6.04 8.23
CA SER A 192 -2.15 6.86 8.23
C SER A 192 -2.47 8.31 7.88
N TYR A 193 -3.32 8.52 6.87
CA TYR A 193 -3.58 9.87 6.35
C TYR A 193 -4.90 10.50 6.79
N ALA A 194 -5.78 9.70 7.40
CA ALA A 194 -7.07 10.18 7.90
C ALA A 194 -7.94 10.77 6.79
N THR A 195 -7.77 10.25 5.58
CA THR A 195 -8.59 10.65 4.44
C THR A 195 -9.57 9.53 4.11
N SER A 196 -10.77 9.89 3.71
CA SER A 196 -11.81 8.92 3.51
C SER A 196 -12.39 8.88 2.11
N THR A 197 -12.92 7.72 1.77
CA THR A 197 -13.65 7.48 0.55
C THR A 197 -15.01 6.96 0.98
N TYR A 198 -16.08 7.57 0.46
CA TYR A 198 -17.43 7.16 0.81
C TYR A 198 -18.19 6.59 -0.38
N ASN A 199 -19.05 5.63 -0.05
CA ASN A 199 -20.09 5.28 -1.00
C ASN A 199 -21.05 6.46 -1.06
N GLN A 200 -21.39 6.81 -2.29
CA GLN A 200 -22.24 7.96 -2.47
C GLN A 200 -23.56 7.85 -1.70
N LYS A 201 -24.09 6.63 -1.56
CA LYS A 201 -25.32 6.40 -0.82
C LYS A 201 -25.22 6.84 0.65
N PHE A 202 -24.01 6.83 1.22
CA PHE A 202 -23.82 7.16 2.64
C PHE A 202 -23.04 8.44 2.90
N LYS A 203 -22.62 9.13 1.84
CA LYS A 203 -21.74 10.30 1.97
C LYS A 203 -22.30 11.41 2.88
N ASN A 204 -23.62 11.57 2.92
CA ASN A 204 -24.23 12.55 3.82
C ASN A 204 -24.64 11.99 5.19
N LYS A 205 -24.53 10.68 5.34
CA LYS A 205 -24.93 9.97 6.55
C LYS A 205 -23.76 9.66 7.50
N ALA A 206 -22.60 9.36 6.94
CA ALA A 206 -21.47 8.86 7.72
C ALA A 206 -20.25 9.79 7.68
N ALA A 207 -19.51 9.82 8.79
CA ALA A 207 -18.26 10.57 8.88
C ALA A 207 -17.24 9.75 9.67
N PHE A 208 -16.13 9.42 9.02
CA PHE A 208 -15.06 8.65 9.63
C PHE A 208 -13.99 9.55 10.23
N THR A 209 -13.45 9.11 11.35
CA THR A 209 -12.23 9.65 11.92
C THR A 209 -11.38 8.51 12.43
N VAL A 210 -10.11 8.80 12.67
CA VAL A 210 -9.22 7.86 13.33
C VAL A 210 -8.43 8.58 14.42
N ASP A 211 -8.05 7.83 15.44
CA ASP A 211 -7.20 8.32 16.51
C ASP A 211 -5.98 7.41 16.59
N THR A 212 -4.87 7.90 16.07
CA THR A 212 -3.62 7.13 15.99
C THR A 212 -3.07 6.73 17.36
N SER A 213 -3.19 7.62 18.34
CA SER A 213 -2.58 7.38 19.64
C SER A 213 -3.32 6.30 20.42
N SER A 214 -4.62 6.14 20.18
CA SER A 214 -5.39 5.06 20.80
C SER A 214 -5.71 3.90 19.86
N SER A 215 -5.15 3.90 18.65
CA SER A 215 -5.45 2.87 17.64
C SER A 215 -6.97 2.63 17.48
N THR A 216 -7.72 3.71 17.35
CA THR A 216 -9.17 3.62 17.32
C THR A 216 -9.76 4.38 16.15
N ALA A 217 -10.68 3.73 15.44
CA ALA A 217 -11.43 4.35 14.35
C ALA A 217 -12.87 4.60 14.82
N PHE A 218 -13.46 5.67 14.32
CA PHE A 218 -14.82 6.06 14.68
C PHE A 218 -15.67 6.32 13.44
N MET A 219 -16.96 6.03 13.54
CA MET A 219 -17.93 6.46 12.55
C MET A 219 -19.08 7.16 13.22
N GLN A 220 -19.32 8.40 12.82
CA GLN A 220 -20.50 9.14 13.24
C GLN A 220 -21.60 9.03 12.19
N LEU A 221 -22.78 8.61 12.64
CA LEU A 221 -23.98 8.60 11.81
C LEU A 221 -24.91 9.71 12.29
N ASN A 222 -25.38 10.55 11.38
CA ASN A 222 -26.22 11.70 11.72
C ASN A 222 -27.62 11.61 11.16
N SER A 223 -28.52 12.43 11.72
CA SER A 223 -29.89 12.59 11.21
C SER A 223 -30.61 11.25 11.09
N LEU A 224 -30.54 10.48 12.18
CA LEU A 224 -30.97 9.08 12.16
C LEU A 224 -32.46 8.93 11.92
N THR A 225 -32.80 7.98 11.05
CA THR A 225 -34.18 7.54 10.83
C THR A 225 -34.23 6.03 11.02
N SER A 226 -35.42 5.46 10.91
CA SER A 226 -35.60 4.02 11.07
C SER A 226 -34.87 3.20 10.00
N GLU A 227 -34.62 3.79 8.84
CA GLU A 227 -33.82 3.16 7.78
C GLU A 227 -32.35 2.94 8.19
N ASP A 228 -31.89 3.70 9.17
CA ASP A 228 -30.52 3.58 9.67
C ASP A 228 -30.36 2.46 10.70
N SER A 229 -31.47 1.94 11.22
CA SER A 229 -31.43 0.80 12.14
C SER A 229 -30.77 -0.39 11.44
N ALA A 230 -29.71 -0.91 12.05
CA ALA A 230 -28.92 -2.00 11.47
C ALA A 230 -27.74 -2.39 12.37
N ASP A 231 -27.04 -3.45 11.97
CA ASP A 231 -25.72 -3.76 12.50
C ASP A 231 -24.69 -3.03 11.64
N TYR A 232 -23.69 -2.46 12.29
CA TYR A 232 -22.57 -1.81 11.63
C TYR A 232 -21.27 -2.46 12.06
N TYR A 233 -20.42 -2.75 11.08
CA TYR A 233 -19.10 -3.33 11.34
C TYR A 233 -17.99 -2.40 10.88
N CYS A 234 -16.90 -2.37 11.64
CA CYS A 234 -15.64 -1.89 11.09
C CYS A 234 -14.89 -3.11 10.57
N VAL A 235 -14.11 -2.92 9.51
CA VAL A 235 -13.41 -4.01 8.82
C VAL A 235 -12.08 -3.53 8.28
N ARG A 236 -11.02 -4.25 8.62
CA ARG A 236 -9.70 -3.87 8.17
C ARG A 236 -9.44 -4.32 6.73
N SER A 237 -8.66 -3.54 6.01
CA SER A 237 -8.21 -3.86 4.66
C SER A 237 -6.82 -3.25 4.52
N GLY A 238 -6.02 -3.77 3.60
CA GLY A 238 -4.67 -3.30 3.51
C GLY A 238 -4.21 -2.96 2.10
N ASN A 239 -2.95 -3.28 1.81
CA ASN A 239 -2.31 -3.00 0.53
C ASN A 239 -1.82 -4.27 -0.14
N TYR A 240 -1.70 -4.21 -1.47
CA TYR A 240 -1.07 -5.29 -2.24
C TYR A 240 -1.81 -6.63 -2.03
N GLU A 241 -1.10 -7.68 -1.59
CA GLU A 241 -1.71 -8.97 -1.27
C GLU A 241 -2.85 -8.86 -0.26
N GLU A 242 -2.74 -7.89 0.64
CA GLU A 242 -3.73 -7.69 1.69
C GLU A 242 -4.79 -6.61 1.35
N TYR A 243 -5.00 -6.38 0.06
CA TYR A 243 -5.91 -5.31 -0.39
C TYR A 243 -7.37 -5.52 0.03
N ALA A 244 -7.80 -6.77 0.13
CA ALA A 244 -9.18 -7.10 0.47
C ALA A 244 -9.45 -6.90 1.96
N MET A 245 -10.71 -6.63 2.28
CA MET A 245 -11.15 -6.62 3.67
C MET A 245 -10.87 -7.98 4.28
N ASP A 246 -10.16 -7.99 5.41
CA ASP A 246 -9.85 -9.24 6.09
C ASP A 246 -10.55 -9.42 7.44
N TYR A 247 -10.18 -8.62 8.44
CA TYR A 247 -10.71 -8.79 9.79
C TYR A 247 -11.87 -7.86 10.10
N TRP A 248 -12.94 -8.45 10.62
CA TRP A 248 -14.14 -7.73 11.01
C TRP A 248 -14.25 -7.57 12.52
N GLY A 249 -14.87 -6.46 12.93
CA GLY A 249 -15.26 -6.26 14.31
C GLY A 249 -16.45 -7.14 14.62
N GLN A 250 -16.87 -7.14 15.88
CA GLN A 250 -17.96 -7.99 16.33
C GLN A 250 -19.33 -7.44 15.92
N GLY A 251 -19.35 -6.18 15.49
CA GLY A 251 -20.57 -5.53 15.07
C GLY A 251 -21.14 -4.66 16.17
N THR A 252 -21.90 -3.66 15.74
CA THR A 252 -22.59 -2.74 16.63
C THR A 252 -24.00 -2.52 16.09
N SER A 253 -24.96 -2.96 16.88
CA SER A 253 -26.38 -2.78 16.62
C SER A 253 -26.76 -1.34 16.94
N VAL A 254 -27.45 -0.69 16.01
CA VAL A 254 -28.06 0.62 16.23
C VAL A 254 -29.56 0.50 15.95
N THR A 255 -30.38 0.84 16.93
CA THR A 255 -31.84 0.88 16.77
C THR A 255 -32.35 2.30 16.96
N VAL A 256 -33.03 2.83 15.95
CA VAL A 256 -33.58 4.18 16.03
C VAL A 256 -35.06 4.13 16.42
N SER A 257 -35.37 4.58 17.64
CA SER A 257 -36.75 4.67 18.13
C SER A 257 -37.35 6.06 17.94
N GLU B 3 4.92 10.84 14.66
CA GLU B 3 6.37 10.69 14.46
C GLU B 3 6.86 11.54 13.29
N ALA B 4 7.82 12.42 13.55
CA ALA B 4 8.35 13.30 12.50
C ALA B 4 9.17 12.50 11.49
N ASP B 5 9.52 13.12 10.38
CA ASP B 5 10.30 12.47 9.33
C ASP B 5 11.73 12.26 9.82
N ILE B 6 12.28 11.09 9.49
CA ILE B 6 13.65 10.73 9.86
C ILE B 6 14.64 11.64 9.13
N VAL B 7 15.53 12.22 9.89
CA VAL B 7 16.54 13.12 9.36
C VAL B 7 17.92 12.46 9.40
N LEU B 8 18.56 12.36 8.24
CA LEU B 8 19.91 11.82 8.12
C LEU B 8 20.91 12.95 7.92
N THR B 9 21.85 13.09 8.86
CA THR B 9 22.87 14.12 8.79
C THR B 9 24.19 13.50 8.32
N GLN B 10 24.77 14.06 7.27
CA GLN B 10 26.02 13.53 6.74
C GLN B 10 27.15 14.51 6.96
N THR B 11 28.25 14.00 7.50
CA THR B 11 29.48 14.80 7.64
C THR B 11 30.71 14.03 7.12
N PRO B 12 31.71 14.74 6.66
CA PRO B 12 31.64 16.17 6.30
C PRO B 12 30.73 16.38 5.09
N SER B 13 30.25 17.59 4.80
CA SER B 13 29.41 17.86 3.64
C SER B 13 30.25 17.88 2.37
N SER B 14 31.51 18.25 2.55
CA SER B 14 32.51 18.34 1.50
C SER B 14 33.82 17.80 2.06
N LEU B 15 34.58 17.09 1.24
CA LEU B 15 35.83 16.48 1.68
C LEU B 15 36.89 16.49 0.59
N PRO B 16 37.94 17.29 0.76
CA PRO B 16 39.07 17.23 -0.17
C PRO B 16 39.80 15.93 0.10
N VAL B 17 40.25 15.26 -0.95
CA VAL B 17 40.94 14.00 -0.78
C VAL B 17 42.04 13.86 -1.82
N SER B 18 42.96 12.96 -1.54
CA SER B 18 44.04 12.63 -2.45
C SER B 18 43.85 11.19 -2.94
N VAL B 19 44.33 10.91 -4.14
CA VAL B 19 44.30 9.54 -4.65
C VAL B 19 45.17 8.66 -3.73
N GLY B 20 44.66 7.50 -3.39
CA GLY B 20 45.35 6.56 -2.54
C GLY B 20 44.97 6.65 -1.07
N GLU B 21 44.56 7.85 -0.67
CA GLU B 21 44.24 8.06 0.74
C GLU B 21 43.00 7.27 1.18
N LYS B 22 42.91 6.96 2.49
CA LYS B 22 41.75 6.31 3.09
C LYS B 22 40.74 7.39 3.48
N VAL B 23 39.46 7.12 3.28
CA VAL B 23 38.42 8.11 3.50
C VAL B 23 37.25 7.53 4.31
N THR B 24 36.76 8.31 5.26
CA THR B 24 35.66 7.92 6.15
C THR B 24 34.58 8.99 6.13
N MET B 25 33.33 8.57 5.92
CA MET B 25 32.17 9.48 5.92
C MET B 25 31.07 8.93 6.81
N THR B 26 30.42 9.83 7.55
CA THR B 26 29.42 9.39 8.51
C THR B 26 28.00 9.81 8.12
N CYS B 27 27.05 9.00 8.56
CA CYS B 27 25.62 9.25 8.37
C CYS B 27 24.88 8.98 9.69
N LYS B 28 24.37 10.03 10.31
CA LYS B 28 23.66 9.91 11.59
C LYS B 28 22.15 10.09 11.42
N SER B 29 21.38 9.05 11.76
CA SER B 29 19.92 9.09 11.71
C SER B 29 19.30 9.58 13.03
N SER B 30 18.29 10.43 12.93
CA SER B 30 17.53 10.89 14.09
C SER B 30 16.74 9.76 14.76
N GLN B 31 16.53 8.66 14.03
CA GLN B 31 15.77 7.52 14.52
C GLN B 31 16.53 6.23 14.21
N THR B 32 16.40 5.23 15.07
CA THR B 32 17.03 3.93 14.82
C THR B 32 16.48 3.26 13.54
N LEU B 33 17.37 2.69 12.75
CA LEU B 33 17.04 2.02 11.49
C LEU B 33 17.13 0.51 11.60
N LEU B 34 17.40 0.02 12.79
CA LEU B 34 17.43 -1.41 13.07
C LEU B 34 16.04 -1.91 13.44
N TYR B 35 15.62 -2.96 12.80
CA TYR B 35 14.37 -3.63 13.12
C TYR B 35 14.71 -4.73 14.13
N SER B 36 14.06 -4.72 15.29
CA SER B 36 14.28 -5.77 16.28
C SER B 36 13.84 -7.13 15.72
N ASN B 37 12.75 -7.15 14.96
CA ASN B 37 12.22 -8.38 14.37
C ASN B 37 13.29 -9.20 13.63
N ASN B 38 13.99 -8.58 12.67
CA ASN B 38 14.95 -9.29 11.81
C ASN B 38 16.43 -8.90 11.93
N GLN B 39 16.71 -7.95 12.83
CA GLN B 39 18.06 -7.44 13.08
C GLN B 39 18.80 -6.88 11.84
N LYS B 40 18.03 -6.34 10.89
CA LYS B 40 18.61 -5.71 9.70
C LYS B 40 18.54 -4.21 9.82
N ASN B 41 19.53 -3.51 9.27
CA ASN B 41 19.52 -2.06 9.24
C ASN B 41 19.02 -1.58 7.89
N TYR B 42 17.97 -0.77 7.87
CA TYR B 42 17.35 -0.32 6.63
C TYR B 42 17.99 0.97 6.10
N LEU B 43 19.26 0.85 5.73
CA LEU B 43 20.09 1.97 5.33
C LEU B 43 20.85 1.60 4.06
N ALA B 44 20.89 2.52 3.10
CA ALA B 44 21.63 2.30 1.86
C ALA B 44 22.53 3.49 1.56
N TRP B 45 23.57 3.23 0.76
CA TRP B 45 24.48 4.28 0.30
C TRP B 45 24.43 4.34 -1.23
N TYR B 46 24.32 5.56 -1.78
CA TYR B 46 24.32 5.78 -3.22
C TYR B 46 25.46 6.66 -3.63
N GLN B 47 25.94 6.46 -4.84
CA GLN B 47 27.04 7.22 -5.36
C GLN B 47 26.61 7.86 -6.67
N GLN B 48 26.82 9.17 -6.79
CA GLN B 48 26.56 9.89 -8.02
C GLN B 48 27.87 10.54 -8.51
N LYS B 49 28.42 9.99 -9.59
CA LYS B 49 29.59 10.55 -10.26
C LYS B 49 29.16 11.73 -11.13
N PRO B 50 30.11 12.60 -11.49
CA PRO B 50 29.81 13.76 -12.34
C PRO B 50 29.17 13.38 -13.67
N GLY B 51 28.04 14.01 -14.00
CA GLY B 51 27.35 13.74 -15.24
C GLY B 51 26.66 12.38 -15.35
N GLN B 52 26.56 11.68 -14.23
CA GLN B 52 25.87 10.39 -14.19
C GLN B 52 24.72 10.46 -13.20
N SER B 53 23.80 9.50 -13.31
CA SER B 53 22.76 9.32 -12.31
C SER B 53 23.35 8.51 -11.14
N PRO B 54 22.70 8.55 -9.98
CA PRO B 54 23.16 7.76 -8.83
C PRO B 54 23.09 6.27 -9.10
N LYS B 55 23.96 5.53 -8.42
CA LYS B 55 23.98 4.08 -8.45
C LYS B 55 24.04 3.58 -7.00
N LEU B 56 23.40 2.45 -6.75
CA LEU B 56 23.44 1.82 -5.43
C LEU B 56 24.80 1.17 -5.17
N LEU B 57 25.43 1.55 -4.07
CA LEU B 57 26.68 0.95 -3.64
C LEU B 57 26.39 -0.15 -2.64
N ILE B 58 25.76 0.23 -1.54
CA ILE B 58 25.50 -0.66 -0.41
C ILE B 58 24.08 -0.47 0.12
N SER B 59 23.48 -1.60 0.49
CA SER B 59 22.17 -1.60 1.13
C SER B 59 22.29 -2.53 2.34
N TRP B 60 21.33 -2.43 3.26
CA TRP B 60 21.36 -3.19 4.51
C TRP B 60 22.58 -2.83 5.35
N ALA B 61 23.04 -1.59 5.22
CA ALA B 61 24.18 -1.04 5.95
C ALA B 61 25.57 -1.51 5.51
N PHE B 62 25.68 -2.78 5.13
CA PHE B 62 27.00 -3.38 4.84
C PHE B 62 27.08 -4.30 3.62
N THR B 63 25.94 -4.55 2.97
CA THR B 63 25.92 -5.47 1.83
C THR B 63 26.12 -4.77 0.51
N ARG B 64 27.27 -5.06 -0.08
CA ARG B 64 27.67 -4.52 -1.37
C ARG B 64 26.82 -5.09 -2.48
N LYS B 65 26.47 -4.23 -3.42
CA LYS B 65 25.79 -4.69 -4.62
C LYS B 65 26.84 -5.38 -5.49
N SER B 66 26.45 -6.48 -6.12
CA SER B 66 27.35 -7.23 -7.00
C SER B 66 28.09 -6.31 -7.98
N GLY B 67 29.42 -6.44 -8.03
CA GLY B 67 30.21 -5.63 -8.94
C GLY B 67 30.83 -4.40 -8.29
N VAL B 68 30.32 -4.00 -7.12
CA VAL B 68 30.90 -2.90 -6.36
C VAL B 68 32.19 -3.41 -5.72
N PRO B 69 33.35 -2.75 -5.98
CA PRO B 69 34.62 -3.23 -5.46
C PRO B 69 34.66 -3.24 -3.94
N ASP B 70 35.42 -4.18 -3.35
CA ASP B 70 35.50 -4.36 -1.90
C ASP B 70 36.26 -3.25 -1.17
N ARG B 71 36.77 -2.25 -1.89
CA ARG B 71 37.41 -1.10 -1.24
C ARG B 71 36.36 -0.19 -0.59
N PHE B 72 35.10 -0.36 -0.95
CA PHE B 72 33.98 0.31 -0.31
C PHE B 72 33.44 -0.58 0.80
N THR B 73 33.42 -0.04 2.01
CA THR B 73 32.88 -0.78 3.13
C THR B 73 31.87 0.04 3.92
N GLY B 74 30.69 -0.51 4.06
CA GLY B 74 29.65 0.09 4.85
C GLY B 74 29.59 -0.62 6.20
N SER B 75 29.48 0.15 7.27
CA SER B 75 29.41 -0.39 8.62
C SER B 75 28.51 0.48 9.50
N GLY B 76 28.24 0.01 10.72
CA GLY B 76 27.41 0.74 11.65
C GLY B 76 26.08 0.06 11.90
N SER B 77 25.38 0.53 12.93
CA SER B 77 24.09 -0.01 13.32
C SER B 77 23.30 0.99 14.16
N GLY B 78 21.98 0.86 14.13
CA GLY B 78 21.12 1.75 14.88
C GLY B 78 21.01 3.11 14.23
N THR B 79 21.74 4.08 14.78
CA THR B 79 21.66 5.47 14.31
C THR B 79 22.94 5.97 13.66
N ASP B 80 24.05 5.25 13.84
CA ASP B 80 25.34 5.73 13.37
C ASP B 80 25.99 4.81 12.33
N PHE B 81 26.13 5.33 11.12
CA PHE B 81 26.64 4.55 10.00
C PHE B 81 27.85 5.20 9.37
N THR B 82 28.62 4.38 8.66
CA THR B 82 29.84 4.84 8.06
C THR B 82 30.07 4.14 6.73
N LEU B 83 30.62 4.90 5.82
CA LEU B 83 31.08 4.36 4.56
C LEU B 83 32.57 4.64 4.48
N THR B 84 33.36 3.59 4.24
CA THR B 84 34.80 3.70 4.17
C THR B 84 35.33 3.32 2.79
N ILE B 85 36.16 4.18 2.21
CA ILE B 85 36.87 3.88 0.98
C ILE B 85 38.33 3.63 1.36
N GLY B 86 38.75 2.38 1.25
CA GLY B 86 40.09 1.94 1.64
C GLY B 86 41.21 2.71 0.94
N SER B 87 41.08 2.87 -0.38
CA SER B 87 42.02 3.63 -1.18
C SER B 87 41.31 4.37 -2.31
N VAL B 88 41.28 5.69 -2.23
CA VAL B 88 40.51 6.52 -3.17
C VAL B 88 41.09 6.51 -4.58
N LYS B 89 40.24 6.19 -5.54
CA LYS B 89 40.60 6.27 -6.96
C LYS B 89 39.93 7.48 -7.58
N ALA B 90 40.40 7.87 -8.77
CA ALA B 90 39.84 9.01 -9.51
C ALA B 90 38.35 8.85 -9.77
N GLU B 91 37.94 7.61 -10.01
CA GLU B 91 36.55 7.27 -10.30
C GLU B 91 35.62 7.40 -9.08
N ASP B 92 36.21 7.48 -7.88
CA ASP B 92 35.45 7.63 -6.64
C ASP B 92 35.11 9.06 -6.29
N LEU B 93 35.63 10.02 -7.06
CA LEU B 93 35.26 11.42 -6.88
C LEU B 93 33.80 11.57 -7.26
N ALA B 94 32.96 11.69 -6.24
CA ALA B 94 31.52 11.70 -6.38
C ALA B 94 30.81 12.17 -5.12
N VAL B 95 29.50 12.29 -5.20
CA VAL B 95 28.68 12.58 -4.02
C VAL B 95 28.13 11.25 -3.53
N TYR B 96 28.20 11.05 -2.23
CA TYR B 96 27.70 9.83 -1.61
C TYR B 96 26.55 10.19 -0.71
N TYR B 97 25.41 9.59 -0.96
CA TYR B 97 24.21 9.84 -0.17
C TYR B 97 23.85 8.60 0.63
N CYS B 98 23.54 8.78 1.90
CA CYS B 98 22.94 7.68 2.67
C CYS B 98 21.43 7.88 2.53
N GLN B 99 20.69 6.81 2.76
CA GLN B 99 19.26 6.79 2.51
C GLN B 99 18.58 5.76 3.40
N GLN B 100 17.50 6.17 4.06
CA GLN B 100 16.76 5.29 4.97
C GLN B 100 15.46 4.84 4.33
N TYR B 101 15.21 3.53 4.42
CA TYR B 101 13.95 2.94 3.96
C TYR B 101 13.30 2.14 5.10
N SER B 102 13.57 2.61 6.32
CA SER B 102 13.00 2.02 7.54
C SER B 102 11.53 2.41 7.68
N ASN B 103 11.22 3.70 7.54
CA ASN B 103 9.85 4.20 7.63
C ASN B 103 9.52 5.24 6.56
N TYR B 104 8.26 5.28 6.14
CA TYR B 104 7.77 6.30 5.23
C TYR B 104 7.61 7.61 5.99
N PRO B 105 7.92 8.74 5.37
CA PRO B 105 8.52 8.81 4.03
C PRO B 105 10.00 8.47 4.02
N TRP B 106 10.43 7.76 2.97
CA TRP B 106 11.85 7.48 2.78
C TRP B 106 12.61 8.80 2.59
N THR B 107 13.79 8.88 3.19
CA THR B 107 14.59 10.09 3.16
C THR B 107 16.07 9.84 2.84
N PHE B 108 16.74 10.92 2.43
CA PHE B 108 18.13 10.92 2.02
C PHE B 108 18.90 11.89 2.91
N GLY B 109 20.21 11.69 3.01
CA GLY B 109 21.08 12.65 3.65
C GLY B 109 21.45 13.71 2.64
N GLY B 110 22.12 14.76 3.11
CA GLY B 110 22.55 15.88 2.26
C GLY B 110 23.79 15.55 1.44
N GLY B 111 24.38 14.38 1.72
CA GLY B 111 25.51 13.84 0.99
C GLY B 111 26.88 14.40 1.36
N THR B 112 27.90 13.59 1.06
CA THR B 112 29.29 13.98 1.21
C THR B 112 29.91 13.99 -0.18
N ARG B 113 30.38 15.17 -0.59
CA ARG B 113 31.03 15.34 -1.89
C ARG B 113 32.54 15.22 -1.76
N LEU B 114 33.09 14.24 -2.44
CA LEU B 114 34.53 14.04 -2.48
C LEU B 114 35.10 14.78 -3.68
N GLU B 115 35.89 15.81 -3.38
CA GLU B 115 36.58 16.60 -4.39
C GLU B 115 38.08 16.41 -4.26
N ILE B 116 38.80 16.69 -5.34
CA ILE B 116 40.25 16.56 -5.33
C ILE B 116 40.90 17.68 -4.51
N LYS B 117 41.93 17.31 -3.75
CA LYS B 117 42.66 18.25 -2.89
C LYS B 117 43.34 19.36 -3.70
N GLU B 139 20.63 -6.67 -18.09
CA GLU B 139 20.91 -5.24 -18.14
C GLU B 139 19.66 -4.41 -17.80
N VAL B 140 19.49 -4.13 -16.52
CA VAL B 140 18.36 -3.31 -16.06
C VAL B 140 18.58 -1.87 -16.51
N GLN B 141 17.56 -1.31 -17.15
CA GLN B 141 17.61 0.08 -17.62
C GLN B 141 16.26 0.76 -17.42
N LEU B 142 16.30 2.00 -16.95
CA LEU B 142 15.11 2.85 -16.87
C LEU B 142 15.38 4.09 -17.72
N GLN B 143 14.55 4.28 -18.74
CA GLN B 143 14.73 5.34 -19.72
C GLN B 143 13.60 6.36 -19.61
N GLN B 144 13.94 7.58 -19.19
CA GLN B 144 12.96 8.64 -18.96
C GLN B 144 12.74 9.55 -20.17
N SER B 145 11.59 10.20 -20.21
CA SER B 145 11.28 11.17 -21.25
C SER B 145 12.18 12.41 -21.11
N GLY B 146 12.16 13.25 -22.13
CA GLY B 146 13.06 14.40 -22.22
C GLY B 146 12.67 15.60 -21.37
N PRO B 147 13.46 16.69 -21.45
CA PRO B 147 13.24 17.86 -20.60
C PRO B 147 11.91 18.56 -20.85
N GLU B 148 11.43 19.24 -19.81
CA GLU B 148 10.22 20.02 -19.88
C GLU B 148 10.50 21.46 -19.48
N VAL B 149 9.90 22.39 -20.17
CA VAL B 149 9.92 23.80 -19.80
C VAL B 149 8.51 24.31 -20.02
N VAL B 150 7.80 24.55 -18.92
CA VAL B 150 6.39 24.92 -18.98
C VAL B 150 6.11 26.17 -18.14
N LYS B 151 4.87 26.65 -18.21
CA LYS B 151 4.46 27.84 -17.47
C LYS B 151 3.87 27.45 -16.13
N THR B 152 3.85 28.40 -15.19
CA THR B 152 3.14 28.23 -13.93
C THR B 152 1.70 27.82 -14.18
N GLY B 153 1.21 26.86 -13.39
CA GLY B 153 -0.14 26.33 -13.52
C GLY B 153 -0.21 25.07 -14.36
N ALA B 154 0.80 24.84 -15.20
CA ALA B 154 0.78 23.71 -16.12
C ALA B 154 0.95 22.36 -15.41
N SER B 155 0.76 21.28 -16.17
CA SER B 155 1.08 19.93 -15.71
C SER B 155 2.07 19.33 -16.69
N VAL B 156 2.91 18.42 -16.19
CA VAL B 156 3.78 17.62 -17.05
C VAL B 156 3.59 16.16 -16.68
N LYS B 157 3.88 15.27 -17.62
CA LYS B 157 3.82 13.84 -17.36
C LYS B 157 5.13 13.23 -17.81
N ILE B 158 5.85 12.63 -16.86
CA ILE B 158 7.16 12.07 -17.15
C ILE B 158 7.04 10.55 -17.26
N SER B 159 7.61 9.99 -18.31
CA SER B 159 7.58 8.55 -18.54
C SER B 159 8.89 7.89 -18.09
N CYS B 160 8.80 6.61 -17.74
CA CYS B 160 9.94 5.85 -17.28
C CYS B 160 9.81 4.43 -17.82
N LYS B 161 10.50 4.16 -18.92
CA LYS B 161 10.39 2.89 -19.63
C LYS B 161 11.43 1.91 -19.12
N ALA B 162 10.95 0.80 -18.57
CA ALA B 162 11.80 -0.21 -17.96
C ALA B 162 12.12 -1.34 -18.93
N SER B 163 13.33 -1.89 -18.80
CA SER B 163 13.76 -3.03 -19.61
C SER B 163 14.81 -3.85 -18.86
N GLY B 164 14.97 -5.11 -19.26
CA GLY B 164 15.97 -5.99 -18.68
C GLY B 164 15.55 -6.70 -17.41
N TYR B 165 14.27 -6.66 -17.10
CA TYR B 165 13.72 -7.37 -15.95
C TYR B 165 12.21 -7.54 -16.07
N SER B 166 11.64 -8.32 -15.14
CA SER B 166 10.19 -8.50 -15.08
C SER B 166 9.55 -7.28 -14.43
N PHE B 167 8.92 -6.44 -15.25
CA PHE B 167 8.31 -5.19 -14.80
C PHE B 167 7.47 -5.28 -13.52
N THR B 168 6.45 -6.15 -13.52
CA THR B 168 5.49 -6.25 -12.42
C THR B 168 6.08 -6.73 -11.10
N GLY B 169 7.32 -7.21 -11.12
CA GLY B 169 7.97 -7.66 -9.91
C GLY B 169 8.53 -6.55 -9.03
N TYR B 170 8.41 -5.29 -9.46
CA TYR B 170 9.10 -4.20 -8.77
C TYR B 170 8.31 -2.92 -8.61
N PHE B 171 8.77 -2.10 -7.70
CA PHE B 171 8.22 -0.77 -7.47
C PHE B 171 9.00 0.24 -8.31
N ILE B 172 8.32 1.29 -8.74
CA ILE B 172 8.97 2.44 -9.34
C ILE B 172 8.82 3.58 -8.36
N ASN B 173 9.95 4.06 -7.86
CA ASN B 173 10.04 5.21 -6.98
C ASN B 173 10.33 6.44 -7.82
N TRP B 174 10.03 7.61 -7.25
CA TRP B 174 10.34 8.85 -7.93
C TRP B 174 11.02 9.77 -6.92
N VAL B 175 12.03 10.48 -7.40
CA VAL B 175 12.88 11.30 -6.55
C VAL B 175 13.12 12.67 -7.17
N LYS B 176 13.00 13.70 -6.36
CA LYS B 176 13.24 15.07 -6.78
C LYS B 176 14.62 15.48 -6.28
N LYS B 177 15.38 16.15 -7.14
CA LYS B 177 16.72 16.56 -6.82
C LYS B 177 17.02 17.98 -7.31
N ASN B 178 17.42 18.85 -6.38
CA ASN B 178 17.85 20.21 -6.68
C ASN B 178 19.31 20.41 -6.27
N SER B 179 19.99 21.31 -6.98
CA SER B 179 21.37 21.66 -6.69
C SER B 179 21.58 22.09 -5.23
N GLY B 180 22.45 21.37 -4.54
CA GLY B 180 22.84 21.74 -3.17
C GLY B 180 21.85 21.38 -2.08
N LYS B 181 20.92 20.48 -2.40
CA LYS B 181 19.89 20.04 -1.46
C LYS B 181 19.88 18.52 -1.40
N SER B 182 19.36 17.97 -0.30
CA SER B 182 19.22 16.53 -0.18
C SER B 182 18.10 16.04 -1.11
N PRO B 183 18.32 14.93 -1.82
CA PRO B 183 17.26 14.32 -2.64
C PRO B 183 16.01 14.06 -1.82
N GLU B 184 14.84 14.26 -2.43
CA GLU B 184 13.57 13.98 -1.77
C GLU B 184 12.86 12.83 -2.46
N TRP B 185 12.47 11.84 -1.67
CA TRP B 185 11.64 10.76 -2.14
C TRP B 185 10.18 11.25 -2.29
N ILE B 186 9.68 11.23 -3.53
CA ILE B 186 8.31 11.68 -3.81
C ILE B 186 7.31 10.59 -3.42
N GLY B 187 7.67 9.35 -3.69
CA GLY B 187 6.85 8.19 -3.38
C GLY B 187 7.20 7.03 -4.27
N HIS B 188 6.41 5.96 -4.21
CA HIS B 188 6.50 4.91 -5.23
C HIS B 188 5.16 4.25 -5.57
N ILE B 189 5.15 3.58 -6.70
CA ILE B 189 4.01 2.80 -7.15
C ILE B 189 4.43 1.34 -7.28
N SER B 190 3.56 0.46 -6.89
CA SER B 190 3.75 -0.96 -7.14
C SER B 190 3.40 -1.23 -8.60
N SER B 191 4.32 -1.83 -9.34
CA SER B 191 4.08 -2.08 -10.77
C SER B 191 2.97 -3.11 -10.99
N SER B 192 2.79 -4.02 -10.03
CA SER B 192 1.74 -5.03 -10.10
C SER B 192 0.36 -4.46 -9.76
N TYR B 193 0.24 -3.91 -8.55
CA TYR B 193 -1.06 -3.45 -8.02
C TYR B 193 -1.45 -2.04 -8.47
N ALA B 194 -0.52 -1.31 -9.06
CA ALA B 194 -0.75 0.06 -9.53
C ALA B 194 -1.28 1.00 -8.44
N THR B 195 -0.96 0.71 -7.18
CA THR B 195 -1.28 1.59 -6.06
C THR B 195 0.00 2.22 -5.55
N SER B 196 -0.14 3.47 -5.10
CA SER B 196 1.02 4.25 -4.72
C SER B 196 1.01 4.69 -3.27
N THR B 197 2.21 4.94 -2.77
CA THR B 197 2.44 5.50 -1.45
C THR B 197 3.21 6.78 -1.70
N TYR B 198 2.71 7.85 -1.13
CA TYR B 198 3.29 9.16 -1.34
C TYR B 198 3.88 9.74 -0.06
N ASN B 199 4.97 10.49 -0.27
CA ASN B 199 5.44 11.38 0.75
C ASN B 199 4.36 12.44 0.86
N GLN B 200 3.82 12.70 2.04
CA GLN B 200 2.71 13.60 2.23
C GLN B 200 3.00 14.97 1.67
N LYS B 201 4.28 15.28 1.63
CA LYS B 201 4.72 16.55 1.07
C LYS B 201 4.33 16.73 -0.43
N PHE B 202 4.22 15.60 -1.16
CA PHE B 202 3.92 15.59 -2.60
C PHE B 202 2.56 14.96 -2.94
N LYS B 203 1.74 14.67 -1.93
CA LYS B 203 0.47 13.97 -2.13
C LYS B 203 -0.48 14.69 -3.08
N ASN B 204 -0.49 16.02 -3.04
CA ASN B 204 -1.31 16.83 -3.94
C ASN B 204 -0.55 17.37 -5.15
N LYS B 205 0.70 16.93 -5.32
CA LYS B 205 1.58 17.43 -6.38
C LYS B 205 1.76 16.42 -7.51
N ALA B 206 1.92 15.16 -7.14
CA ALA B 206 2.31 14.11 -8.06
C ALA B 206 1.29 12.98 -8.08
N ALA B 207 1.20 12.32 -9.21
CA ALA B 207 0.28 11.20 -9.39
C ALA B 207 0.97 10.17 -10.27
N PHE B 208 1.12 8.96 -9.72
CA PHE B 208 1.80 7.87 -10.39
C PHE B 208 0.80 6.98 -11.11
N THR B 209 1.25 6.37 -12.22
CA THR B 209 0.49 5.34 -12.95
C THR B 209 1.49 4.41 -13.61
N VAL B 210 1.01 3.27 -14.04
CA VAL B 210 1.87 2.36 -14.79
C VAL B 210 1.09 1.77 -15.95
N ASP B 211 1.83 1.27 -16.92
CA ASP B 211 1.26 0.60 -18.06
C ASP B 211 2.10 -0.66 -18.23
N THR B 212 1.56 -1.76 -17.72
CA THR B 212 2.22 -3.07 -17.72
C THR B 212 2.58 -3.55 -19.13
N SER B 213 1.74 -3.23 -20.11
CA SER B 213 1.94 -3.69 -21.49
C SER B 213 3.12 -3.02 -22.22
N SER B 214 3.46 -1.79 -21.82
CA SER B 214 4.63 -1.09 -22.36
C SER B 214 5.79 -1.01 -21.35
N SER B 215 5.64 -1.71 -20.23
CA SER B 215 6.63 -1.66 -19.14
C SER B 215 7.04 -0.23 -18.81
N THR B 216 6.07 0.66 -18.66
CA THR B 216 6.33 2.08 -18.46
C THR B 216 5.56 2.63 -17.25
N ALA B 217 6.28 3.35 -16.40
CA ALA B 217 5.71 4.06 -15.27
C ALA B 217 5.68 5.55 -15.59
N PHE B 218 4.71 6.25 -15.04
CA PHE B 218 4.54 7.67 -15.29
C PHE B 218 4.34 8.44 -13.99
N MET B 219 4.83 9.68 -13.96
CA MET B 219 4.54 10.61 -12.89
C MET B 219 4.03 11.92 -13.49
N GLN B 220 2.83 12.27 -13.10
CA GLN B 220 2.27 13.54 -13.49
C GLN B 220 2.45 14.52 -12.35
N LEU B 221 2.88 15.73 -12.68
CA LEU B 221 3.01 16.80 -11.71
C LEU B 221 2.02 17.90 -12.09
N ASN B 222 1.23 18.34 -11.12
CA ASN B 222 0.15 19.28 -11.36
C ASN B 222 0.32 20.66 -10.67
N SER B 223 -0.47 21.64 -11.12
CA SER B 223 -0.39 23.02 -10.62
C SER B 223 1.04 23.43 -10.33
N LEU B 224 1.86 23.40 -11.37
CA LEU B 224 3.30 23.64 -11.23
C LEU B 224 3.64 25.09 -10.87
N THR B 225 4.67 25.23 -10.03
CA THR B 225 5.24 26.52 -9.64
C THR B 225 6.76 26.41 -9.79
N SER B 226 7.47 27.52 -9.59
CA SER B 226 8.92 27.54 -9.74
C SER B 226 9.62 26.63 -8.74
N GLU B 227 8.98 26.36 -7.61
CA GLU B 227 9.53 25.43 -6.60
C GLU B 227 9.57 23.98 -7.09
N ASP B 228 8.80 23.68 -8.13
CA ASP B 228 8.79 22.36 -8.76
C ASP B 228 9.93 22.16 -9.76
N SER B 229 10.62 23.25 -10.09
CA SER B 229 11.79 23.18 -10.97
C SER B 229 12.89 22.35 -10.31
N ALA B 230 13.27 21.26 -10.98
CA ALA B 230 14.24 20.32 -10.47
C ALA B 230 14.48 19.20 -11.46
N ASP B 231 15.37 18.28 -11.09
CA ASP B 231 15.57 17.05 -11.84
C ASP B 231 14.73 16.01 -11.14
N TYR B 232 14.05 15.16 -11.90
CA TYR B 232 13.22 14.08 -11.34
C TYR B 232 13.70 12.74 -11.86
N TYR B 233 13.83 11.77 -10.96
CA TYR B 233 14.32 10.45 -11.33
C TYR B 233 13.28 9.40 -10.99
N CYS B 234 13.11 8.44 -11.88
CA CYS B 234 12.47 7.20 -11.47
C CYS B 234 13.57 6.25 -11.03
N VAL B 235 13.25 5.42 -10.05
CA VAL B 235 14.21 4.54 -9.41
C VAL B 235 13.48 3.24 -9.06
N ARG B 236 14.04 2.11 -9.46
CA ARG B 236 13.46 0.81 -9.14
C ARG B 236 13.77 0.40 -7.70
N SER B 237 12.89 -0.38 -7.12
CA SER B 237 13.11 -1.05 -5.83
C SER B 237 12.27 -2.33 -5.82
N GLY B 238 12.60 -3.25 -4.92
CA GLY B 238 11.94 -4.55 -4.95
C GLY B 238 11.42 -5.06 -3.61
N ASN B 239 11.49 -6.38 -3.46
CA ASN B 239 11.06 -7.05 -2.25
C ASN B 239 12.21 -7.79 -1.53
N TYR B 240 11.94 -8.19 -0.31
CA TYR B 240 12.92 -9.01 0.40
C TYR B 240 14.33 -8.47 0.39
N GLU B 241 15.28 -9.25 -0.08
CA GLU B 241 16.67 -8.82 -0.12
C GLU B 241 16.85 -7.55 -1.00
N GLU B 242 16.02 -7.33 -2.03
CA GLU B 242 16.11 -6.20 -2.97
C GLU B 242 15.19 -5.03 -2.58
N TYR B 243 14.90 -4.90 -1.29
CA TYR B 243 13.93 -3.91 -0.82
C TYR B 243 14.35 -2.47 -1.10
N ALA B 244 15.66 -2.23 -1.08
CA ALA B 244 16.21 -0.89 -1.32
C ALA B 244 16.10 -0.49 -2.79
N MET B 245 16.15 0.81 -3.03
CA MET B 245 16.21 1.34 -4.38
C MET B 245 17.54 0.91 -5.00
N ASP B 246 17.49 0.35 -6.21
CA ASP B 246 18.73 -0.05 -6.88
C ASP B 246 19.02 0.77 -8.15
N TYR B 247 18.24 0.60 -9.22
CA TYR B 247 18.57 1.26 -10.48
C TYR B 247 17.81 2.57 -10.70
N TRP B 248 18.58 3.61 -11.05
CA TRP B 248 18.03 4.93 -11.34
C TRP B 248 17.94 5.16 -12.85
N GLY B 249 16.88 5.86 -13.25
CA GLY B 249 16.80 6.44 -14.58
C GLY B 249 17.84 7.54 -14.74
N GLN B 250 17.93 8.11 -15.94
CA GLN B 250 18.93 9.11 -16.28
C GLN B 250 18.54 10.52 -15.80
N GLY B 251 17.25 10.67 -15.48
CA GLY B 251 16.72 11.91 -14.94
C GLY B 251 16.01 12.74 -15.98
N THR B 252 15.07 13.55 -15.52
CA THR B 252 14.32 14.47 -16.38
C THR B 252 14.34 15.86 -15.76
N SER B 253 14.78 16.84 -16.54
CA SER B 253 14.80 18.22 -16.14
C SER B 253 13.42 18.85 -16.33
N VAL B 254 12.89 19.46 -15.27
CA VAL B 254 11.65 20.21 -15.34
C VAL B 254 11.91 21.65 -14.91
N THR B 255 11.57 22.58 -15.78
CA THR B 255 11.73 24.01 -15.50
C THR B 255 10.37 24.68 -15.64
N VAL B 256 9.98 25.40 -14.59
CA VAL B 256 8.68 26.07 -14.55
C VAL B 256 8.94 27.57 -14.55
N SER B 257 8.53 28.24 -15.63
CA SER B 257 8.71 29.69 -15.77
C SER B 257 7.75 30.40 -14.83
#